data_5VSI
#
_entry.id   5VSI
#
_cell.length_a   94.279
_cell.length_b   60.610
_cell.length_c   86.241
_cell.angle_alpha   90.000
_cell.angle_beta   100.590
_cell.angle_gamma   90.000
#
_symmetry.space_group_name_H-M   'C 1 2 1'
#
loop_
_entity.id
_entity.type
_entity.pdbx_description
1 polymer 'CH1/Ckappa Fab heavy chain'
2 polymer 'CH1/Ckappa Fab light chain'
3 non-polymer 'SULFATE ION'
4 non-polymer 1,2-ETHANEDIOL
5 water water
#
loop_
_entity_poly.entity_id
_entity_poly.type
_entity_poly.pdbx_seq_one_letter_code
_entity_poly.pdbx_strand_id
1 'polypeptide(L)'
;(PCA)VQLVQSGAEVKKPGASVKVSCKASGYTFTSHWMHWVRQAPGQGLEWIGEFNPSNGRTNYNEKFKSKATMTVDTST
NTAYMELSSLRSEDTAVYYCASRDYDYDGRYFDYWGQGTLVTVSSASTKGPSVFPLAPSSKSTSGGTAALGCLVADYFPE
PVTVSWNSGALTSGVHTFPAVLQSSGLYSLASVVTVPSSSLGTQTYICNVNHKPSNTKVDEKVEP
;
H
2 'polypeptide(L)'
;DIQMTQSPSSLSASVGDRVTITCSASSSVTYMYWYQQKPGKAPKLLIYDTSNLASGVPSRFSGSGSGTDYTFTISSLQPE
DIATYYCQQWSSHIFTFGQGTKVEIKRTVAAPSVFIFPPSDKQLKSGTARVVCLLNNFYPREAKVQWKVDNALQSGNSQE
SVTEQDSKDSTYSLISTLTLSKADYEKHKVYACEVTHQGLSSPVTKSFNRGE
;
L
#
loop_
_chem_comp.id
_chem_comp.type
_chem_comp.name
_chem_comp.formula
EDO non-polymer 1,2-ETHANEDIOL 'C2 H6 O2'
SO4 non-polymer 'SULFATE ION' 'O4 S -2'
#
# COMPACT_ATOMS: atom_id res chain seq x y z
N PCA A 1 5.83 20.28 -14.16
CA PCA A 1 6.18 19.20 -13.27
CB PCA A 1 5.07 19.20 -12.22
CG PCA A 1 4.05 20.25 -12.65
CD PCA A 1 4.65 20.83 -13.91
OE PCA A 1 4.10 21.70 -14.59
C PCA A 1 6.24 17.88 -14.01
O PCA A 1 5.35 17.57 -14.82
N VAL A 2 7.26 17.07 -13.72
CA VAL A 2 7.39 15.75 -14.33
C VAL A 2 6.30 14.83 -13.79
N GLN A 3 5.54 14.22 -14.70
CA GLN A 3 4.53 13.22 -14.33
C GLN A 3 4.67 11.99 -15.23
N LEU A 4 4.53 10.82 -14.61
CA LEU A 4 4.40 9.57 -15.35
C LEU A 4 3.12 8.87 -14.91
N VAL A 5 2.15 8.74 -15.82
CA VAL A 5 0.83 8.22 -15.48
C VAL A 5 0.65 6.87 -16.18
N GLN A 6 0.51 5.82 -15.38
CA GLN A 6 0.37 4.46 -15.89
C GLN A 6 -1.09 4.08 -16.07
N SER A 7 -1.32 3.11 -16.94
CA SER A 7 -2.65 2.56 -17.16
C SER A 7 -3.14 1.80 -15.91
N GLY A 8 -4.44 1.55 -15.85
CA GLY A 8 -5.12 0.94 -14.70
C GLY A 8 -4.80 -0.53 -14.49
N ALA A 9 -5.12 -1.03 -13.28
CA ALA A 9 -4.94 -2.43 -12.91
C ALA A 9 -5.73 -3.32 -13.85
N GLU A 10 -5.21 -4.52 -14.06
CA GLU A 10 -5.86 -5.49 -14.93
C GLU A 10 -5.79 -6.89 -14.40
N VAL A 11 -6.81 -7.68 -14.74
CA VAL A 11 -6.76 -9.12 -14.55
C VAL A 11 -6.68 -9.76 -15.94
N LYS A 12 -5.91 -10.84 -16.02
CA LYS A 12 -5.67 -11.57 -17.26
C LYS A 12 -5.55 -13.05 -16.97
N LYS A 13 -6.23 -13.84 -17.82
CA LYS A 13 -6.21 -15.30 -17.75
C LYS A 13 -4.81 -15.82 -18.13
N PRO A 14 -4.38 -16.96 -17.55
CA PRO A 14 -3.07 -17.52 -17.92
C PRO A 14 -2.96 -17.81 -19.43
N GLY A 15 -1.79 -17.54 -20.00
CA GLY A 15 -1.58 -17.66 -21.45
C GLY A 15 -1.82 -16.39 -22.23
N ALA A 16 -2.54 -15.43 -21.63
CA ALA A 16 -2.83 -14.16 -22.29
C ALA A 16 -1.64 -13.19 -22.32
N SER A 17 -1.83 -12.05 -22.99
CA SER A 17 -0.86 -10.98 -22.94
C SER A 17 -1.53 -9.69 -22.42
N VAL A 18 -0.70 -8.76 -21.98
CA VAL A 18 -1.16 -7.46 -21.51
C VAL A 18 -0.10 -6.44 -21.90
N LYS A 19 -0.57 -5.25 -22.23
CA LYS A 19 0.31 -4.16 -22.60
C LYS A 19 0.01 -3.01 -21.67
N VAL A 20 0.99 -2.68 -20.84
CA VAL A 20 0.86 -1.58 -19.88
CA VAL A 20 0.86 -1.58 -19.87
C VAL A 20 1.47 -0.30 -20.46
N SER A 21 0.81 0.83 -20.22
CA SER A 21 1.29 2.08 -20.76
C SER A 21 1.74 3.04 -19.68
N CYS A 22 2.60 3.96 -20.09
CA CYS A 22 3.17 4.97 -19.22
C CYS A 22 3.27 6.30 -19.99
N LYS A 23 2.38 7.23 -19.69
CA LYS A 23 2.28 8.51 -20.40
C LYS A 23 3.11 9.55 -19.64
N ALA A 24 4.12 10.11 -20.31
CA ALA A 24 5.03 11.09 -19.73
C ALA A 24 4.63 12.54 -20.07
N SER A 25 4.85 13.43 -19.10
CA SER A 25 4.66 14.88 -19.32
C SER A 25 5.56 15.68 -18.40
N GLY A 26 5.73 16.96 -18.75
CA GLY A 26 6.55 17.86 -17.97
C GLY A 26 8.03 17.87 -18.30
N TYR A 27 8.44 17.06 -19.29
CA TYR A 27 9.81 17.07 -19.79
C TYR A 27 9.85 16.62 -21.25
N THR A 28 11.01 16.78 -21.88
CA THR A 28 11.24 16.32 -23.26
C THR A 28 11.41 14.80 -23.24
N PHE A 29 10.42 14.11 -23.77
CA PHE A 29 10.29 12.65 -23.66
C PHE A 29 11.53 11.92 -24.18
N THR A 30 12.07 12.39 -25.31
CA THR A 30 13.20 11.72 -25.92
C THR A 30 14.51 11.92 -25.14
N SER A 31 14.52 12.82 -24.15
CA SER A 31 15.73 13.18 -23.43
CA SER A 31 15.75 13.17 -23.44
C SER A 31 16.14 12.18 -22.33
N HIS A 32 15.22 11.29 -21.96
CA HIS A 32 15.53 10.32 -20.89
C HIS A 32 15.11 8.88 -21.17
N TRP A 33 15.97 7.96 -20.75
CA TRP A 33 15.68 6.51 -20.77
C TRP A 33 14.43 6.18 -19.96
N MET A 34 13.61 5.26 -20.47
CA MET A 34 12.46 4.76 -19.72
CA MET A 34 12.44 4.75 -19.74
C MET A 34 12.76 3.35 -19.22
N HIS A 35 12.53 3.13 -17.92
CA HIS A 35 12.79 1.86 -17.27
C HIS A 35 11.49 1.18 -16.88
N TRP A 36 11.56 -0.14 -16.80
CA TRP A 36 10.45 -0.90 -16.27
C TRP A 36 10.97 -1.77 -15.13
N VAL A 37 10.20 -1.77 -14.06
CA VAL A 37 10.58 -2.45 -12.81
C VAL A 37 9.36 -3.26 -12.33
N ARG A 38 9.62 -4.50 -11.89
CA ARG A 38 8.58 -5.38 -11.35
C ARG A 38 8.71 -5.46 -9.82
N GLN A 39 7.57 -5.45 -9.15
CA GLN A 39 7.52 -5.78 -7.73
C GLN A 39 6.27 -6.66 -7.55
C GLN A 39 6.58 -6.94 -7.42
N ALA A 40 6.46 -7.97 -7.41
N ALA A 40 7.18 -8.13 -7.32
CA ALA A 40 5.33 -8.83 -7.07
CA ALA A 40 6.42 -9.38 -7.15
C ALA A 40 4.79 -8.49 -5.67
C ALA A 40 6.57 -9.92 -5.73
N PRO A 41 3.48 -8.72 -5.45
N PRO A 41 5.45 -10.36 -5.14
CA PRO A 41 2.89 -8.32 -4.18
CA PRO A 41 5.50 -10.90 -3.79
C PRO A 41 3.65 -8.96 -3.02
C PRO A 41 6.58 -11.96 -3.66
N GLY A 42 3.98 -8.15 -2.02
N GLY A 42 7.49 -11.76 -2.70
CA GLY A 42 4.70 -8.63 -0.85
CA GLY A 42 8.55 -12.71 -2.45
C GLY A 42 6.17 -8.89 -1.11
C GLY A 42 9.75 -12.53 -3.35
N GLN A 43 6.67 -8.53 -2.29
N GLN A 43 9.85 -11.39 -4.01
CA GLN A 43 8.06 -8.84 -2.64
CA GLN A 43 11.00 -11.19 -4.89
C GLN A 43 8.90 -7.63 -2.98
C GLN A 43 11.42 -9.74 -5.01
N GLY A 44 10.18 -7.86 -3.25
N GLY A 44 10.97 -8.93 -4.05
CA GLY A 44 11.13 -6.79 -3.56
CA GLY A 44 11.34 -7.53 -4.00
C GLY A 44 11.02 -6.31 -4.99
C GLY A 44 11.27 -6.86 -5.36
N LEU A 45 12.11 -5.72 -5.48
N LEU A 45 12.02 -5.78 -5.50
CA LEU A 45 12.15 -5.03 -6.77
C LEU A 45 13.06 -5.76 -7.75
N GLU A 46 12.60 -5.88 -8.99
CA GLU A 46 13.42 -6.43 -10.09
C GLU A 46 13.36 -5.50 -11.28
N TRP A 47 14.51 -5.31 -11.91
CA TRP A 47 14.61 -4.46 -13.09
C TRP A 47 14.28 -5.31 -14.31
N ILE A 48 13.34 -4.84 -15.13
CA ILE A 48 12.94 -5.55 -16.36
C ILE A 48 13.84 -5.12 -17.52
N GLY A 49 14.00 -3.82 -17.68
CA GLY A 49 14.78 -3.30 -18.81
C GLY A 49 14.59 -1.81 -18.96
N GLU A 50 15.27 -1.26 -19.98
CA GLU A 50 15.26 0.17 -20.25
C GLU A 50 15.17 0.40 -21.76
N PHE A 51 14.57 1.52 -22.15
CA PHE A 51 14.33 1.81 -23.56
C PHE A 51 14.71 3.27 -23.73
N ASN A 52 15.57 3.54 -24.73
CA ASN A 52 15.99 4.90 -25.02
C ASN A 52 15.10 5.50 -26.11
N PRO A 53 14.23 6.47 -25.75
CA PRO A 53 13.31 6.96 -26.75
C PRO A 53 13.96 7.79 -27.86
N SER A 54 15.19 8.24 -27.65
CA SER A 54 15.89 9.07 -28.66
C SER A 54 16.42 8.25 -29.86
N ASN A 55 16.67 6.96 -29.64
CA ASN A 55 17.33 6.12 -30.68
C ASN A 55 16.80 4.69 -30.78
N GLY A 56 15.86 4.35 -29.90
CA GLY A 56 15.24 3.02 -29.88
C GLY A 56 16.04 1.91 -29.22
N ARG A 57 17.20 2.23 -28.63
CA ARG A 57 18.05 1.24 -27.98
C ARG A 57 17.37 0.64 -26.75
N THR A 58 17.55 -0.67 -26.57
CA THR A 58 17.01 -1.37 -25.39
C THR A 58 18.11 -2.17 -24.70
N ASN A 59 17.97 -2.34 -23.39
CA ASN A 59 18.76 -3.30 -22.63
C ASN A 59 17.77 -4.01 -21.71
N TYR A 60 17.81 -5.34 -21.72
CA TYR A 60 16.89 -6.16 -20.92
C TYR A 60 17.63 -6.94 -19.85
N ASN A 61 16.93 -7.17 -18.74
CA ASN A 61 17.26 -8.27 -17.85
C ASN A 61 17.01 -9.57 -18.61
N GLU A 62 18.05 -10.42 -18.69
CA GLU A 62 17.96 -11.74 -19.37
C GLU A 62 16.75 -12.55 -18.93
N LYS A 63 16.46 -12.50 -17.63
CA LYS A 63 15.28 -13.13 -17.02
C LYS A 63 13.98 -12.77 -17.76
N PHE A 64 13.89 -11.55 -18.28
CA PHE A 64 12.66 -11.03 -18.89
C PHE A 64 12.66 -10.95 -20.43
N LYS A 65 13.80 -11.28 -21.06
CA LYS A 65 13.98 -11.21 -22.53
C LYS A 65 12.88 -11.87 -23.35
N SER A 66 12.45 -13.06 -22.91
CA SER A 66 11.38 -13.79 -23.58
C SER A 66 9.98 -13.30 -23.14
N LYS A 67 9.90 -12.70 -21.95
CA LYS A 67 8.63 -12.31 -21.32
C LYS A 67 8.11 -10.93 -21.77
N ALA A 68 9.01 -9.96 -21.83
CA ALA A 68 8.66 -8.54 -21.98
C ALA A 68 9.14 -7.95 -23.29
N THR A 69 8.36 -7.02 -23.82
CA THR A 69 8.72 -6.24 -24.99
C THR A 69 8.45 -4.77 -24.69
N MET A 70 9.51 -3.96 -24.70
CA MET A 70 9.39 -2.52 -24.48
C MET A 70 9.30 -1.79 -25.82
N THR A 71 8.31 -0.91 -25.94
CA THR A 71 8.19 0.00 -27.11
C THR A 71 7.89 1.41 -26.60
N VAL A 72 8.02 2.40 -27.49
CA VAL A 72 7.48 3.75 -27.22
C VAL A 72 6.68 4.26 -28.39
N ASP A 73 5.89 5.29 -28.14
CA ASP A 73 5.30 6.10 -29.20
C ASP A 73 5.63 7.55 -28.90
N THR A 74 6.65 8.05 -29.59
CA THR A 74 7.17 9.41 -29.36
C THR A 74 6.20 10.54 -29.75
N SER A 75 5.19 10.23 -30.56
CA SER A 75 4.19 11.24 -30.94
C SER A 75 3.21 11.56 -29.81
N THR A 76 3.01 10.58 -28.91
CA THR A 76 2.09 10.74 -27.75
C THR A 76 2.84 10.73 -26.41
N ASN A 77 4.17 10.75 -26.44
CA ASN A 77 5.03 10.68 -25.23
C ASN A 77 4.66 9.49 -24.31
N THR A 78 4.47 8.30 -24.91
CA THR A 78 4.00 7.12 -24.17
C THR A 78 4.95 5.95 -24.34
N ALA A 79 5.29 5.33 -23.21
CA ALA A 79 6.11 4.14 -23.21
C ALA A 79 5.21 2.94 -22.90
N TYR A 80 5.56 1.79 -23.47
CA TYR A 80 4.77 0.59 -23.28
C TYR A 80 5.64 -0.57 -22.90
N MET A 81 5.03 -1.48 -22.16
CA MET A 81 5.65 -2.75 -21.87
CA MET A 81 5.65 -2.76 -21.87
C MET A 81 4.60 -3.85 -22.03
N GLU A 82 4.88 -4.77 -22.94
CA GLU A 82 3.97 -5.86 -23.19
C GLU A 82 4.55 -7.14 -22.60
N LEU A 83 3.70 -7.82 -21.82
CA LEU A 83 4.04 -9.08 -21.21
C LEU A 83 3.24 -10.15 -21.90
N SER A 84 3.92 -11.18 -22.38
CA SER A 84 3.27 -12.28 -23.10
C SER A 84 3.33 -13.58 -22.30
N SER A 85 2.54 -14.57 -22.74
CA SER A 85 2.45 -15.90 -22.10
CA SER A 85 2.41 -15.89 -22.10
C SER A 85 2.33 -15.78 -20.57
N LEU A 86 1.35 -15.01 -20.12
CA LEU A 86 1.17 -14.72 -18.70
C LEU A 86 0.91 -15.95 -17.87
N ARG A 87 1.60 -16.05 -16.75
CA ARG A 87 1.36 -17.10 -15.80
C ARG A 87 1.19 -16.47 -14.42
N SER A 88 0.71 -17.26 -13.45
CA SER A 88 0.40 -16.78 -12.09
C SER A 88 1.56 -15.95 -11.49
N GLU A 89 2.79 -16.41 -11.69
CA GLU A 89 3.96 -15.69 -11.11
C GLU A 89 4.28 -14.31 -11.76
N ASP A 90 3.53 -13.95 -12.80
CA ASP A 90 3.63 -12.60 -13.40
C ASP A 90 2.78 -11.58 -12.65
N THR A 91 2.04 -12.05 -11.64
CA THR A 91 1.21 -11.17 -10.81
C THR A 91 2.16 -10.29 -10.00
N ALA A 92 2.06 -8.99 -10.23
CA ALA A 92 2.99 -8.03 -9.67
C ALA A 92 2.50 -6.62 -9.95
N VAL A 93 3.08 -5.66 -9.22
CA VAL A 93 3.01 -4.27 -9.63
C VAL A 93 4.17 -4.00 -10.62
N TYR A 94 3.83 -3.39 -11.74
CA TYR A 94 4.81 -2.98 -12.76
C TYR A 94 4.91 -1.46 -12.75
N TYR A 95 6.13 -0.96 -12.61
CA TYR A 95 6.39 0.49 -12.61
C TYR A 95 7.13 0.87 -13.86
N CYS A 96 6.79 2.04 -14.41
CA CYS A 96 7.70 2.71 -15.35
C CYS A 96 8.44 3.80 -14.56
N ALA A 97 9.66 4.11 -14.97
CA ALA A 97 10.47 5.15 -14.36
C ALA A 97 11.41 5.75 -15.39
N SER A 98 11.44 7.08 -15.46
CA SER A 98 12.44 7.76 -16.29
C SER A 98 13.69 8.06 -15.46
N ARG A 99 14.81 7.46 -15.85
CA ARG A 99 16.04 7.54 -15.05
C ARG A 99 17.27 7.57 -15.94
N ASP A 100 18.13 8.56 -15.70
CA ASP A 100 19.48 8.67 -16.32
C ASP A 100 20.21 9.93 -15.85
N TYR A 101 21.45 10.12 -16.30
CA TYR A 101 22.18 11.36 -16.01
C TYR A 101 21.84 12.42 -17.03
N ASP A 102 21.65 13.65 -16.56
CA ASP A 102 21.74 14.86 -17.41
C ASP A 102 23.18 15.02 -17.88
N TYR A 103 23.39 15.80 -18.95
CA TYR A 103 24.74 16.07 -19.49
C TYR A 103 25.66 16.77 -18.46
N ASP A 104 25.08 17.60 -17.61
CA ASP A 104 25.78 18.28 -16.51
C ASP A 104 26.29 17.33 -15.42
N GLY A 105 25.56 16.23 -15.18
CA GLY A 105 25.95 15.22 -14.20
C GLY A 105 24.96 14.91 -13.08
N ARG A 106 23.83 15.61 -13.06
CA ARG A 106 22.75 15.35 -12.08
C ARG A 106 21.92 14.15 -12.55
N TYR A 107 21.39 13.38 -11.61
CA TYR A 107 20.62 12.20 -11.95
C TYR A 107 19.11 12.49 -11.92
N PHE A 108 18.46 12.21 -13.04
CA PHE A 108 17.04 12.44 -13.25
C PHE A 108 16.35 11.12 -12.87
N ASP A 109 15.40 11.18 -11.95
CA ASP A 109 14.76 9.93 -11.47
C ASP A 109 13.32 10.19 -11.06
N TYR A 110 12.37 9.72 -11.86
CA TYR A 110 10.92 9.89 -11.63
C TYR A 110 10.20 8.60 -11.95
N TRP A 111 9.13 8.30 -11.19
CA TRP A 111 8.41 7.04 -11.29
C TRP A 111 6.93 7.23 -11.50
N GLY A 112 6.33 6.33 -12.30
CA GLY A 112 4.89 6.19 -12.39
C GLY A 112 4.30 5.62 -11.10
N GLN A 113 2.98 5.58 -11.04
CA GLN A 113 2.25 5.13 -9.83
C GLN A 113 2.19 3.61 -9.69
N GLY A 114 2.60 2.89 -10.73
CA GLY A 114 2.52 1.41 -10.75
C GLY A 114 1.20 0.91 -11.31
N THR A 115 1.24 -0.29 -11.88
CA THR A 115 0.07 -0.96 -12.42
C THR A 115 0.05 -2.40 -11.91
N LEU A 116 -0.97 -2.77 -11.14
CA LEU A 116 -1.08 -4.14 -10.67
C LEU A 116 -1.70 -5.02 -11.76
N VAL A 117 -0.93 -6.01 -12.20
CA VAL A 117 -1.43 -7.02 -13.13
C VAL A 117 -1.61 -8.31 -12.34
N THR A 118 -2.84 -8.82 -12.33
CA THR A 118 -3.13 -10.09 -11.67
C THR A 118 -3.39 -11.15 -12.73
N VAL A 119 -2.71 -12.29 -12.61
CA VAL A 119 -2.93 -13.42 -13.55
C VAL A 119 -3.74 -14.49 -12.83
N SER A 120 -4.95 -14.70 -13.32
CA SER A 120 -5.89 -15.60 -12.69
C SER A 120 -6.91 -16.11 -13.68
N SER A 121 -7.37 -17.34 -13.47
CA SER A 121 -8.47 -17.95 -14.21
CA SER A 121 -8.47 -17.86 -14.27
C SER A 121 -9.81 -17.55 -13.61
N ALA A 122 -9.77 -16.97 -12.41
CA ALA A 122 -11.01 -16.55 -11.72
C ALA A 122 -11.59 -15.29 -12.36
N SER A 123 -12.92 -15.18 -12.27
CA SER A 123 -13.66 -14.08 -12.88
C SER A 123 -13.56 -12.77 -12.07
N THR A 124 -13.37 -11.67 -12.78
CA THR A 124 -13.45 -10.32 -12.19
C THR A 124 -14.82 -10.11 -11.56
N LYS A 125 -14.82 -9.45 -10.40
CA LYS A 125 -16.06 -9.14 -9.71
C LYS A 125 -15.96 -7.76 -9.06
N GLY A 126 -17.00 -6.96 -9.32
CA GLY A 126 -17.10 -5.62 -8.73
C GLY A 126 -17.56 -5.65 -7.28
N PRO A 127 -17.10 -4.66 -6.47
CA PRO A 127 -17.51 -4.64 -5.06
C PRO A 127 -18.93 -4.12 -4.76
N SER A 128 -19.43 -4.48 -3.59
CA SER A 128 -20.58 -3.82 -2.98
C SER A 128 -20.01 -2.82 -1.97
N VAL A 129 -20.59 -1.62 -1.92
CA VAL A 129 -20.09 -0.59 -1.00
C VAL A 129 -21.13 -0.29 0.08
N PHE A 130 -20.73 -0.38 1.35
CA PHE A 130 -21.65 -0.15 2.45
C PHE A 130 -21.11 0.93 3.37
N PRO A 131 -21.81 2.08 3.44
CA PRO A 131 -21.43 3.08 4.45
C PRO A 131 -21.45 2.56 5.87
N LEU A 132 -20.47 3.02 6.65
CA LEU A 132 -20.42 2.80 8.08
CA LEU A 132 -20.41 2.80 8.10
C LEU A 132 -20.71 4.15 8.73
N ALA A 133 -21.96 4.34 9.14
CA ALA A 133 -22.45 5.65 9.61
C ALA A 133 -21.82 6.08 10.94
N PRO A 134 -21.56 7.40 11.10
CA PRO A 134 -21.21 7.87 12.43
C PRO A 134 -22.49 7.81 13.30
N SER A 135 -22.34 7.32 14.52
CA SER A 135 -23.45 7.24 15.50
C SER A 135 -22.90 7.41 16.91
N SER A 136 -23.76 7.38 17.92
CA SER A 136 -23.30 7.46 19.30
C SER A 136 -22.36 6.31 19.66
N LYS A 137 -22.44 5.20 18.92
CA LYS A 137 -21.55 4.05 19.18
C LYS A 137 -20.18 4.17 18.50
N SER A 138 -20.05 5.15 17.62
CA SER A 138 -18.74 5.48 17.02
C SER A 138 -18.25 6.90 17.30
N THR A 139 -18.52 7.39 18.50
CA THR A 139 -17.88 8.62 19.01
C THR A 139 -16.88 8.34 20.12
N SER A 140 -15.89 9.23 20.25
CA SER A 140 -14.87 9.19 21.29
C SER A 140 -14.43 10.64 21.57
C SER A 140 -14.52 10.62 21.64
N GLY A 141 -14.69 11.13 22.76
N GLY A 141 -14.83 11.00 22.87
CA GLY A 141 -14.26 12.48 23.17
CA GLY A 141 -14.82 12.40 23.23
C GLY A 141 -14.33 13.64 22.19
C GLY A 141 -15.64 13.13 22.18
N GLY A 142 -15.50 13.84 21.56
N GLY A 142 -15.05 14.16 21.59
CA GLY A 142 -15.73 14.93 20.58
C GLY A 142 -15.40 14.54 19.15
N THR A 143 -14.95 13.30 18.94
CA THR A 143 -14.63 12.82 17.58
C THR A 143 -15.61 11.73 17.21
N ALA A 144 -15.97 11.68 15.94
CA ALA A 144 -16.79 10.62 15.36
C ALA A 144 -16.00 9.87 14.32
N ALA A 145 -16.12 8.55 14.34
CA ALA A 145 -15.56 7.73 13.27
C ALA A 145 -16.69 7.32 12.31
N LEU A 146 -16.32 7.27 11.04
CA LEU A 146 -17.24 6.82 9.98
C LEU A 146 -16.43 6.16 8.89
N GLY A 147 -17.08 5.47 7.96
CA GLY A 147 -16.27 4.77 6.98
C GLY A 147 -17.09 4.13 5.92
N CYS A 148 -16.43 3.32 5.11
CA CYS A 148 -17.08 2.55 4.05
CA CYS A 148 -17.16 2.48 4.17
C CYS A 148 -16.47 1.16 4.01
N LEU A 149 -17.30 0.15 3.90
CA LEU A 149 -16.83 -1.19 3.70
CA LEU A 149 -16.87 -1.22 3.70
C LEU A 149 -16.99 -1.55 2.24
N VAL A 150 -15.93 -2.06 1.66
CA VAL A 150 -15.91 -2.37 0.22
C VAL A 150 -15.79 -3.89 0.13
N ALA A 151 -16.94 -4.54 -0.08
CA ALA A 151 -17.03 -5.98 0.08
C ALA A 151 -17.05 -6.77 -1.23
N ASP A 152 -16.35 -7.90 -1.21
CA ASP A 152 -16.50 -8.98 -2.23
C ASP A 152 -16.15 -8.61 -3.65
N TYR A 153 -14.87 -8.28 -3.85
CA TYR A 153 -14.39 -7.92 -5.15
C TYR A 153 -13.24 -8.82 -5.53
N PHE A 154 -12.96 -8.87 -6.82
CA PHE A 154 -11.80 -9.59 -7.37
C PHE A 154 -11.37 -9.02 -8.74
N PRO A 155 -10.07 -8.90 -9.02
CA PRO A 155 -8.96 -9.08 -8.06
C PRO A 155 -8.68 -7.77 -7.32
N GLU A 156 -7.53 -7.67 -6.66
CA GLU A 156 -7.05 -6.37 -6.18
C GLU A 156 -6.67 -5.48 -7.40
N PRO A 157 -6.64 -4.15 -7.27
CA PRO A 157 -6.82 -3.40 -6.04
C PRO A 157 -8.11 -2.58 -6.08
N VAL A 158 -8.56 -2.20 -4.88
CA VAL A 158 -9.54 -1.14 -4.71
C VAL A 158 -8.80 0.07 -4.17
N THR A 159 -9.15 1.25 -4.67
CA THR A 159 -8.68 2.48 -4.03
C THR A 159 -9.86 3.23 -3.44
N VAL A 160 -9.61 3.94 -2.34
CA VAL A 160 -10.64 4.75 -1.72
C VAL A 160 -10.08 6.12 -1.44
N SER A 161 -10.85 7.15 -1.80
CA SER A 161 -10.56 8.51 -1.34
C SER A 161 -11.80 9.03 -0.61
N TRP A 162 -11.63 10.16 0.09
CA TRP A 162 -12.75 10.80 0.75
C TRP A 162 -12.89 12.20 0.18
N ASN A 163 -14.13 12.59 -0.14
CA ASN A 163 -14.42 13.93 -0.70
C ASN A 163 -13.47 14.30 -1.84
N SER A 164 -13.28 13.33 -2.74
CA SER A 164 -12.46 13.51 -3.96
C SER A 164 -11.01 13.90 -3.64
N GLY A 165 -10.54 13.49 -2.46
CA GLY A 165 -9.17 13.71 -2.03
C GLY A 165 -9.00 14.92 -1.16
N ALA A 166 -10.07 15.68 -0.94
CA ALA A 166 -10.02 16.87 -0.07
C ALA A 166 -10.00 16.51 1.43
N LEU A 167 -10.34 15.26 1.77
CA LEU A 167 -10.24 14.81 3.15
C LEU A 167 -9.22 13.67 3.21
N THR A 168 -8.07 13.94 3.83
CA THR A 168 -7.01 12.94 3.97
C THR A 168 -6.53 12.79 5.41
N SER A 169 -6.61 13.85 6.19
CA SER A 169 -6.24 13.77 7.61
CA SER A 169 -6.25 13.77 7.60
C SER A 169 -7.11 12.73 8.31
N GLY A 170 -6.48 11.84 9.08
CA GLY A 170 -7.25 10.88 9.91
C GLY A 170 -7.86 9.72 9.14
N VAL A 171 -7.58 9.62 7.83
CA VAL A 171 -8.11 8.50 7.04
C VAL A 171 -7.20 7.27 7.29
N HIS A 172 -7.84 6.11 7.44
CA HIS A 172 -7.10 4.82 7.39
C HIS A 172 -7.82 3.93 6.40
N THR A 173 -7.14 3.58 5.34
CA THR A 173 -7.69 2.62 4.39
C THR A 173 -6.89 1.35 4.60
N PHE A 174 -7.58 0.29 5.01
CA PHE A 174 -6.91 -0.91 5.49
C PHE A 174 -6.52 -1.84 4.35
N PRO A 175 -5.45 -2.64 4.54
CA PRO A 175 -5.17 -3.72 3.57
C PRO A 175 -6.37 -4.63 3.45
N ALA A 176 -6.57 -5.12 2.23
CA ALA A 176 -7.66 -6.05 1.93
C ALA A 176 -7.48 -7.36 2.69
N VAL A 177 -8.60 -7.99 3.00
CA VAL A 177 -8.62 -9.34 3.58
C VAL A 177 -9.17 -10.35 2.59
N LEU A 178 -8.55 -11.52 2.54
CA LEU A 178 -9.00 -12.58 1.65
C LEU A 178 -10.13 -13.33 2.32
N GLN A 179 -11.29 -13.37 1.66
CA GLN A 179 -12.48 -14.08 2.12
C GLN A 179 -12.30 -15.57 1.77
N SER A 180 -13.03 -16.44 2.50
CA SER A 180 -13.08 -17.90 2.27
C SER A 180 -13.33 -18.26 0.81
N SER A 181 -14.16 -17.44 0.18
CA SER A 181 -14.56 -17.54 -1.24
C SER A 181 -13.47 -17.25 -2.26
N GLY A 182 -12.39 -16.59 -1.84
CA GLY A 182 -11.38 -16.12 -2.77
C GLY A 182 -11.58 -14.66 -3.19
N LEU A 183 -12.68 -14.05 -2.77
CA LEU A 183 -12.85 -12.61 -3.01
C LEU A 183 -12.10 -11.83 -1.93
N TYR A 184 -12.10 -10.51 -2.07
CA TYR A 184 -11.45 -9.62 -1.12
C TYR A 184 -12.48 -8.68 -0.56
N SER A 185 -12.19 -8.14 0.62
CA SER A 185 -12.95 -7.03 1.17
C SER A 185 -11.97 -6.08 1.83
N LEU A 186 -12.33 -4.79 1.86
CA LEU A 186 -11.53 -3.81 2.59
C LEU A 186 -12.43 -2.79 3.25
N ALA A 187 -11.87 -2.10 4.22
CA ALA A 187 -12.58 -0.99 4.82
C ALA A 187 -11.72 0.28 4.76
N SER A 188 -12.39 1.43 4.67
CA SER A 188 -11.74 2.72 4.88
C SER A 188 -12.53 3.50 5.91
N VAL A 189 -11.80 4.13 6.84
CA VAL A 189 -12.43 4.91 7.89
C VAL A 189 -11.78 6.29 8.02
N VAL A 190 -12.49 7.19 8.68
CA VAL A 190 -11.94 8.53 8.97
C VAL A 190 -12.55 9.02 10.28
N THR A 191 -11.80 9.79 11.06
CA THR A 191 -12.37 10.45 12.21
C THR A 191 -12.50 11.95 11.92
N VAL A 192 -13.61 12.48 12.37
CA VAL A 192 -13.97 13.90 12.13
C VAL A 192 -14.56 14.48 13.42
N PRO A 193 -14.74 15.82 13.50
CA PRO A 193 -15.44 16.35 14.68
C PRO A 193 -16.87 15.85 14.77
N SER A 194 -17.32 15.43 15.96
CA SER A 194 -18.69 15.06 16.12
C SER A 194 -19.64 16.28 16.01
N SER A 195 -19.10 17.49 16.29
CA SER A 195 -19.91 18.72 16.34
C SER A 195 -20.50 19.16 15.02
N SER A 196 -19.83 18.80 13.93
CA SER A 196 -20.21 19.28 12.61
C SER A 196 -20.76 18.20 11.68
N LEU A 197 -21.26 17.10 12.24
CA LEU A 197 -21.88 16.08 11.42
C LEU A 197 -23.07 16.61 10.64
N GLY A 198 -23.69 17.68 11.15
CA GLY A 198 -24.88 18.28 10.52
C GLY A 198 -24.54 19.18 9.35
N THR A 199 -23.33 19.70 9.33
CA THR A 199 -22.94 20.68 8.30
C THR A 199 -21.94 20.20 7.26
N GLN A 200 -21.15 19.17 7.58
CA GLN A 200 -20.19 18.66 6.61
C GLN A 200 -20.76 17.43 5.93
N THR A 201 -20.31 17.20 4.70
CA THR A 201 -20.71 16.04 3.92
C THR A 201 -19.47 15.19 3.69
N TYR A 202 -19.61 13.88 3.92
CA TYR A 202 -18.54 12.93 3.77
C TYR A 202 -18.93 11.88 2.77
N ILE A 203 -18.14 11.80 1.69
CA ILE A 203 -18.42 10.90 0.57
C ILE A 203 -17.18 10.04 0.39
N CYS A 204 -17.37 8.71 0.37
CA CYS A 204 -16.26 7.85 0.04
C CYS A 204 -16.29 7.51 -1.44
N ASN A 205 -15.16 7.73 -2.09
CA ASN A 205 -15.02 7.50 -3.55
C ASN A 205 -14.23 6.22 -3.76
N VAL A 206 -14.94 5.23 -4.29
CA VAL A 206 -14.40 3.84 -4.41
C VAL A 206 -14.14 3.51 -5.88
N ASN A 207 -12.92 3.08 -6.18
CA ASN A 207 -12.55 2.71 -7.54
CA ASN A 207 -12.52 2.73 -7.55
C ASN A 207 -12.02 1.29 -7.58
N HIS A 208 -12.57 0.49 -8.50
CA HIS A 208 -12.03 -0.86 -8.75
C HIS A 208 -11.87 -0.99 -10.26
N LYS A 209 -10.69 -0.64 -10.74
CA LYS A 209 -10.39 -0.55 -12.18
C LYS A 209 -10.64 -1.85 -12.98
N PRO A 210 -10.33 -3.05 -12.41
CA PRO A 210 -10.60 -4.26 -13.20
C PRO A 210 -12.06 -4.49 -13.61
N SER A 211 -13.00 -4.05 -12.79
CA SER A 211 -14.41 -4.08 -13.15
C SER A 211 -14.92 -2.69 -13.61
N ASN A 212 -13.99 -1.77 -13.89
CA ASN A 212 -14.32 -0.38 -14.27
CA ASN A 212 -14.29 -0.36 -14.23
C ASN A 212 -15.43 0.21 -13.36
N THR A 213 -15.36 -0.10 -12.07
CA THR A 213 -16.37 0.29 -11.06
C THR A 213 -15.90 1.58 -10.39
N LYS A 214 -16.74 2.60 -10.41
CA LYS A 214 -16.44 3.87 -9.74
C LYS A 214 -17.73 4.26 -9.01
N VAL A 215 -17.67 4.32 -7.68
CA VAL A 215 -18.87 4.51 -6.86
C VAL A 215 -18.60 5.63 -5.84
N ASP A 216 -19.55 6.53 -5.65
CA ASP A 216 -19.45 7.57 -4.63
C ASP A 216 -20.60 7.38 -3.67
N GLU A 217 -20.26 7.10 -2.42
CA GLU A 217 -21.27 6.85 -1.40
C GLU A 217 -21.22 7.91 -0.33
N LYS A 218 -22.34 8.62 -0.16
CA LYS A 218 -22.45 9.59 0.92
C LYS A 218 -22.59 8.82 2.21
N VAL A 219 -21.84 9.20 3.24
CA VAL A 219 -21.90 8.51 4.52
C VAL A 219 -22.52 9.48 5.50
N GLU A 220 -23.77 9.22 5.86
CA GLU A 220 -24.52 10.19 6.66
C GLU A 220 -24.83 9.67 8.05
N PRO A 221 -24.96 10.58 9.04
CA PRO A 221 -25.26 10.26 10.44
C PRO A 221 -26.58 9.54 10.62
N ASP B 1 27.80 -11.27 -13.58
CA ASP B 1 26.58 -10.87 -12.82
C ASP B 1 26.89 -10.68 -11.33
N ILE B 2 26.37 -9.59 -10.78
CA ILE B 2 26.68 -9.20 -9.41
C ILE B 2 25.58 -9.61 -8.42
N GLN B 3 26.01 -10.35 -7.41
CA GLN B 3 25.15 -10.75 -6.30
C GLN B 3 25.34 -9.73 -5.17
N MET B 4 24.25 -9.42 -4.48
CA MET B 4 24.33 -8.49 -3.34
C MET B 4 23.57 -9.00 -2.14
N THR B 5 24.06 -8.65 -0.96
CA THR B 5 23.37 -8.95 0.30
C THR B 5 23.16 -7.67 1.07
N GLN B 6 21.89 -7.37 1.33
CA GLN B 6 21.52 -6.20 2.08
C GLN B 6 21.13 -6.60 3.51
N SER B 7 21.66 -5.88 4.47
CA SER B 7 21.35 -6.16 5.88
C SER B 7 21.20 -4.88 6.70
N PRO B 8 20.42 -4.93 7.79
CA PRO B 8 19.60 -6.09 8.17
C PRO B 8 18.32 -6.15 7.32
N SER B 9 17.50 -7.19 7.49
CA SER B 9 16.21 -7.28 6.80
CA SER B 9 16.21 -7.29 6.80
C SER B 9 15.19 -6.29 7.35
N SER B 10 15.29 -6.01 8.65
CA SER B 10 14.41 -5.06 9.32
C SER B 10 15.11 -4.55 10.55
N LEU B 11 14.72 -3.35 10.96
CA LEU B 11 15.20 -2.80 12.20
C LEU B 11 14.13 -1.89 12.77
N SER B 12 14.20 -1.74 14.08
CA SER B 12 13.34 -0.85 14.82
C SER B 12 14.23 0.13 15.59
N ALA B 13 13.90 1.41 15.57
CA ALA B 13 14.70 2.45 16.23
C ALA B 13 13.85 3.58 16.76
N SER B 14 14.39 4.36 17.68
CA SER B 14 13.69 5.51 18.22
C SER B 14 13.94 6.74 17.39
N VAL B 15 12.99 7.68 17.44
CA VAL B 15 13.11 9.02 16.84
C VAL B 15 14.45 9.62 17.33
N GLY B 16 15.27 10.06 16.37
CA GLY B 16 16.62 10.60 16.67
C GLY B 16 17.79 9.63 16.61
N ASP B 17 17.53 8.32 16.57
CA ASP B 17 18.59 7.33 16.45
C ASP B 17 19.30 7.39 15.07
N ARG B 18 20.57 6.98 15.08
CA ARG B 18 21.34 6.77 13.86
C ARG B 18 21.06 5.36 13.35
N VAL B 19 20.64 5.26 12.09
CA VAL B 19 20.30 4.00 11.46
C VAL B 19 21.31 3.80 10.34
N THR B 20 21.89 2.60 10.27
CA THR B 20 22.87 2.22 9.26
C THR B 20 22.46 0.92 8.56
N ILE B 21 22.42 0.96 7.23
CA ILE B 21 22.05 -0.19 6.40
C ILE B 21 23.24 -0.51 5.51
N THR B 22 23.54 -1.78 5.33
CA THR B 22 24.68 -2.18 4.51
C THR B 22 24.26 -3.01 3.30
N CYS B 23 24.97 -2.79 2.18
CA CYS B 23 24.80 -3.57 0.96
CA CYS B 23 24.83 -3.62 1.00
C CYS B 23 26.19 -4.11 0.58
N SER B 24 26.35 -5.43 0.62
CA SER B 24 27.60 -6.11 0.27
C SER B 24 27.44 -6.78 -1.07
N ALA B 25 28.35 -6.45 -1.99
CA ALA B 25 28.34 -6.93 -3.38
C ALA B 25 29.44 -7.97 -3.62
N SER B 26 29.14 -8.95 -4.48
CA SER B 26 30.08 -10.03 -4.83
C SER B 26 31.31 -9.51 -5.56
N SER B 27 31.09 -8.54 -6.47
CA SER B 27 32.14 -7.85 -7.21
C SER B 27 31.94 -6.34 -7.08
N SER B 28 32.99 -5.58 -7.38
CA SER B 28 32.95 -4.11 -7.37
C SER B 28 31.86 -3.60 -8.34
N VAL B 29 31.01 -2.68 -7.86
CA VAL B 29 29.92 -2.16 -8.71
C VAL B 29 30.32 -0.82 -9.31
N THR B 30 29.81 -0.56 -10.51
CA THR B 30 30.10 0.70 -11.19
C THR B 30 29.35 1.86 -10.54
N TYR B 31 28.05 1.68 -10.31
CA TYR B 31 27.22 2.71 -9.66
C TYR B 31 26.36 2.10 -8.56
N MET B 32 26.35 2.76 -7.42
CA MET B 32 25.45 2.40 -6.29
C MET B 32 24.38 3.48 -6.08
N TYR B 33 23.13 3.02 -5.88
CA TYR B 33 21.96 3.90 -5.63
C TYR B 33 21.21 3.39 -4.40
N TRP B 34 20.49 4.29 -3.73
CA TRP B 34 19.62 3.93 -2.59
C TRP B 34 18.24 4.52 -2.82
N TYR B 35 17.23 3.66 -2.68
CA TYR B 35 15.82 4.01 -2.83
C TYR B 35 15.06 3.81 -1.54
N GLN B 36 14.07 4.66 -1.33
CA GLN B 36 13.16 4.57 -0.20
C GLN B 36 11.77 4.29 -0.74
N GLN B 37 11.08 3.30 -0.17
CA GLN B 37 9.72 2.99 -0.60
C GLN B 37 8.72 2.88 0.56
N LYS B 38 7.68 3.70 0.52
CA LYS B 38 6.62 3.61 1.52
CA LYS B 38 6.59 3.66 1.51
C LYS B 38 5.47 2.74 0.99
N PRO B 39 4.72 2.04 1.91
CA PRO B 39 3.74 1.07 1.37
C PRO B 39 2.69 1.71 0.46
N GLY B 40 2.34 1.00 -0.62
CA GLY B 40 1.46 1.55 -1.65
C GLY B 40 2.06 2.59 -2.60
N LYS B 41 3.31 3.01 -2.36
CA LYS B 41 3.94 4.06 -3.19
C LYS B 41 5.11 3.55 -4.01
N ALA B 42 5.45 4.30 -5.05
CA ALA B 42 6.64 4.02 -5.85
C ALA B 42 7.93 4.27 -5.07
N PRO B 43 9.02 3.53 -5.40
CA PRO B 43 10.32 3.89 -4.83
C PRO B 43 10.70 5.34 -5.13
N LYS B 44 11.42 5.96 -4.21
CA LYS B 44 11.95 7.31 -4.38
C LYS B 44 13.46 7.30 -4.24
N LEU B 45 14.18 7.86 -5.22
CA LEU B 45 15.63 7.92 -5.11
C LEU B 45 16.11 8.83 -3.99
N LEU B 46 16.99 8.34 -3.13
CA LEU B 46 17.61 9.21 -2.14
C LEU B 46 19.08 9.53 -2.42
N ILE B 47 19.82 8.52 -2.88
CA ILE B 47 21.26 8.61 -3.06
C ILE B 47 21.65 8.00 -4.41
N TYR B 48 22.47 8.72 -5.20
CA TYR B 48 23.05 8.17 -6.42
C TYR B 48 24.57 8.25 -6.39
N ASP B 49 25.23 7.37 -7.17
CA ASP B 49 26.72 7.35 -7.24
CA ASP B 49 26.70 7.29 -7.24
C ASP B 49 27.33 7.26 -5.82
N THR B 50 26.86 6.30 -5.03
CA THR B 50 27.36 6.02 -3.67
C THR B 50 26.99 7.06 -2.61
N SER B 51 27.16 8.34 -2.92
CA SER B 51 27.13 9.37 -1.89
C SER B 51 26.48 10.69 -2.26
N ASN B 52 25.96 10.83 -3.49
CA ASN B 52 25.33 12.09 -3.88
C ASN B 52 23.86 12.12 -3.49
N LEU B 53 23.46 13.14 -2.76
CA LEU B 53 22.06 13.32 -2.39
C LEU B 53 21.21 13.73 -3.58
N ALA B 54 20.12 13.01 -3.82
CA ALA B 54 19.09 13.45 -4.75
C ALA B 54 18.58 14.83 -4.34
N SER B 55 18.05 15.59 -5.30
CA SER B 55 17.60 16.97 -5.07
C SER B 55 16.42 17.04 -4.10
N GLY B 56 16.55 17.86 -3.06
CA GLY B 56 15.50 18.07 -2.05
C GLY B 56 15.47 17.05 -0.93
N VAL B 57 16.41 16.09 -0.95
CA VAL B 57 16.50 15.06 0.09
C VAL B 57 17.17 15.68 1.33
N PRO B 58 16.58 15.45 2.53
CA PRO B 58 17.17 16.01 3.74
C PRO B 58 18.59 15.53 4.02
N SER B 59 19.36 16.39 4.69
CA SER B 59 20.79 16.16 4.97
C SER B 59 21.11 15.01 5.92
N ARG B 60 20.10 14.53 6.66
CA ARG B 60 20.28 13.37 7.56
C ARG B 60 20.55 12.06 6.80
N PHE B 61 20.26 12.03 5.50
CA PHE B 61 20.52 10.87 4.65
C PHE B 61 21.91 10.99 4.02
N SER B 62 22.66 9.90 4.04
CA SER B 62 24.00 9.85 3.45
C SER B 62 24.33 8.43 3.00
N GLY B 63 25.27 8.31 2.07
CA GLY B 63 25.77 7.02 1.62
C GLY B 63 27.28 7.03 1.55
N SER B 64 27.90 5.86 1.71
CA SER B 64 29.34 5.72 1.55
C SER B 64 29.68 4.35 0.99
N GLY B 65 30.93 4.17 0.58
CA GLY B 65 31.41 2.93 -0.02
C GLY B 65 32.84 2.67 0.35
N SER B 66 33.18 1.38 0.46
CA SER B 66 34.54 0.94 0.80
C SER B 66 34.81 -0.43 0.15
N GLY B 67 35.21 -0.38 -1.12
CA GLY B 67 35.43 -1.57 -1.93
C GLY B 67 34.12 -2.09 -2.49
N THR B 68 33.70 -3.27 -2.00
CA THR B 68 32.45 -3.91 -2.38
C THR B 68 31.35 -3.74 -1.31
N ASP B 69 31.67 -3.00 -0.25
CA ASP B 69 30.76 -2.71 0.86
C ASP B 69 30.24 -1.28 0.77
N TYR B 70 28.91 -1.16 0.80
CA TYR B 70 28.25 0.13 0.66
C TYR B 70 27.32 0.31 1.85
N THR B 71 27.28 1.52 2.38
CA THR B 71 26.45 1.79 3.54
C THR B 71 25.53 2.95 3.26
N PHE B 72 24.37 2.93 3.90
CA PHE B 72 23.41 4.00 3.83
C PHE B 72 23.10 4.35 5.27
N THR B 73 23.11 5.64 5.58
CA THR B 73 22.89 6.09 6.96
C THR B 73 21.84 7.19 7.08
N ILE B 74 20.96 7.05 8.08
CA ILE B 74 20.06 8.13 8.46
C ILE B 74 20.64 8.58 9.81
N SER B 75 21.10 9.83 9.89
CA SER B 75 21.83 10.28 11.10
C SER B 75 20.90 10.48 12.30
N SER B 76 19.65 10.83 12.01
CA SER B 76 18.65 11.15 13.04
C SER B 76 17.25 10.76 12.57
N LEU B 77 16.87 9.52 12.90
CA LEU B 77 15.62 8.96 12.39
C LEU B 77 14.38 9.78 12.75
N GLN B 78 13.61 10.15 11.74
CA GLN B 78 12.40 10.96 11.91
C GLN B 78 11.16 10.06 11.67
N PRO B 79 9.98 10.42 12.24
CA PRO B 79 8.81 9.52 12.05
C PRO B 79 8.49 9.28 10.57
N GLU B 80 8.68 10.30 9.73
CA GLU B 80 8.38 10.19 8.28
C GLU B 80 9.35 9.29 7.52
N ASP B 81 10.39 8.80 8.18
CA ASP B 81 11.42 7.97 7.53
C ASP B 81 11.10 6.49 7.54
N ILE B 82 9.99 6.10 8.17
CA ILE B 82 9.63 4.68 8.10
C ILE B 82 9.32 4.30 6.65
N ALA B 83 9.89 3.19 6.23
CA ALA B 83 9.89 2.79 4.84
C ALA B 83 10.68 1.52 4.69
N THR B 84 10.59 0.92 3.50
CA THR B 84 11.56 -0.11 3.14
C THR B 84 12.59 0.53 2.20
N TYR B 85 13.85 0.37 2.56
CA TYR B 85 15.00 0.94 1.78
C TYR B 85 15.67 -0.13 0.95
N TYR B 86 16.03 0.21 -0.29
CA TYR B 86 16.67 -0.76 -1.20
C TYR B 86 17.94 -0.15 -1.76
N CYS B 87 19.03 -0.91 -1.75
CA CYS B 87 20.18 -0.56 -2.59
C CYS B 87 19.87 -1.02 -4.01
N GLN B 88 20.40 -0.29 -4.98
CA GLN B 88 20.33 -0.75 -6.37
C GLN B 88 21.68 -0.46 -7.01
N GLN B 89 22.32 -1.50 -7.53
CA GLN B 89 23.59 -1.33 -8.26
C GLN B 89 23.40 -1.37 -9.77
N TRP B 90 24.33 -0.75 -10.49
CA TRP B 90 24.42 -0.91 -11.92
C TRP B 90 25.85 -1.23 -12.26
N SER B 91 25.99 -2.29 -13.05
CA SER B 91 27.26 -2.64 -13.69
C SER B 91 26.94 -3.38 -14.96
N SER B 92 27.77 -3.12 -15.99
CA SER B 92 27.72 -3.89 -17.25
C SER B 92 26.33 -4.01 -17.82
N HIS B 93 25.63 -2.87 -17.93
CA HIS B 93 24.30 -2.80 -18.53
C HIS B 93 23.16 -3.52 -17.78
N ILE B 94 23.37 -3.82 -16.49
CA ILE B 94 22.34 -4.47 -15.66
C ILE B 94 22.17 -3.72 -14.33
N PHE B 95 20.91 -3.41 -13.99
CA PHE B 95 20.57 -2.95 -12.63
C PHE B 95 20.10 -4.14 -11.83
N THR B 96 20.58 -4.24 -10.59
CA THR B 96 20.02 -5.20 -9.62
C THR B 96 19.75 -4.51 -8.26
N PHE B 97 18.73 -5.00 -7.56
CA PHE B 97 18.33 -4.45 -6.26
C PHE B 97 18.72 -5.38 -5.11
N GLY B 98 19.05 -4.79 -3.97
CA GLY B 98 19.14 -5.55 -2.70
C GLY B 98 17.76 -6.03 -2.25
N GLN B 99 17.75 -6.83 -1.20
CA GLN B 99 16.55 -7.50 -0.71
C GLN B 99 15.62 -6.53 0.06
N GLY B 100 16.15 -5.39 0.48
CA GLY B 100 15.38 -4.41 1.22
C GLY B 100 15.58 -4.47 2.74
N THR B 101 15.43 -3.31 3.38
CA THR B 101 15.50 -3.19 4.84
C THR B 101 14.28 -2.41 5.28
N LYS B 102 13.42 -3.04 6.07
CA LYS B 102 12.24 -2.34 6.61
C LYS B 102 12.67 -1.63 7.89
N VAL B 103 12.50 -0.32 7.93
CA VAL B 103 12.87 0.54 9.06
C VAL B 103 11.56 0.94 9.74
N GLU B 104 11.43 0.54 11.01
N GLU B 104 11.44 0.58 11.01
CA GLU B 104 10.27 0.81 11.85
CA GLU B 104 10.25 0.85 11.81
C GLU B 104 10.66 1.82 12.94
C GLU B 104 10.63 1.70 13.02
N ILE B 105 9.65 2.43 13.55
CA ILE B 105 9.85 3.44 14.64
C ILE B 105 9.30 2.90 15.96
N LYS B 106 10.07 3.14 17.06
CA LYS B 106 9.56 2.91 18.41
C LYS B 106 9.00 4.22 18.94
N ARG B 107 7.92 4.15 19.70
CA ARG B 107 7.36 5.35 20.32
C ARG B 107 6.73 4.97 21.66
N THR B 108 6.12 5.95 22.32
CA THR B 108 5.47 5.66 23.60
C THR B 108 4.21 4.81 23.44
N VAL B 109 3.84 4.11 24.52
CA VAL B 109 2.57 3.34 24.54
C VAL B 109 1.38 4.27 24.31
N ALA B 110 0.47 3.87 23.42
CA ALA B 110 -0.78 4.62 23.13
C ALA B 110 -1.91 3.60 23.04
N ALA B 111 -2.88 3.68 23.96
CA ALA B 111 -4.05 2.81 23.91
C ALA B 111 -4.93 3.13 22.70
N PRO B 112 -5.61 2.12 22.17
CA PRO B 112 -6.55 2.41 21.07
C PRO B 112 -7.79 3.17 21.51
N SER B 113 -8.32 3.97 20.58
CA SER B 113 -9.67 4.50 20.71
C SER B 113 -10.53 3.49 19.96
N VAL B 114 -11.59 3.03 20.62
CA VAL B 114 -12.44 1.96 20.07
C VAL B 114 -13.81 2.47 19.64
N PHE B 115 -14.24 2.07 18.45
CA PHE B 115 -15.53 2.46 17.85
C PHE B 115 -16.22 1.22 17.30
N ILE B 116 -17.55 1.17 17.40
CA ILE B 116 -18.31 0.02 16.85
C ILE B 116 -19.40 0.53 15.90
N PHE B 117 -19.64 -0.26 14.85
CA PHE B 117 -20.60 0.08 13.78
C PHE B 117 -21.62 -1.04 13.60
N PRO B 118 -22.86 -0.81 14.05
CA PRO B 118 -23.95 -1.77 13.80
C PRO B 118 -24.25 -1.86 12.30
N PRO B 119 -24.59 -3.06 11.82
CA PRO B 119 -25.00 -3.23 10.42
C PRO B 119 -26.15 -2.31 10.02
N SER B 120 -25.96 -1.67 8.87
CA SER B 120 -26.97 -0.78 8.28
C SER B 120 -28.12 -1.58 7.71
N ASP B 121 -29.22 -0.86 7.48
CA ASP B 121 -30.34 -1.41 6.71
C ASP B 121 -29.90 -1.90 5.34
N LYS B 122 -29.01 -1.14 4.69
CA LYS B 122 -28.50 -1.52 3.37
C LYS B 122 -27.82 -2.88 3.43
N GLN B 123 -26.99 -3.09 4.44
CA GLN B 123 -26.38 -4.40 4.63
C GLN B 123 -27.41 -5.51 4.80
N LEU B 124 -28.35 -5.29 5.71
CA LEU B 124 -29.31 -6.35 6.07
C LEU B 124 -30.23 -6.76 4.91
N LYS B 125 -30.55 -5.78 4.05
CA LYS B 125 -31.27 -6.02 2.79
C LYS B 125 -30.46 -6.93 1.84
N SER B 126 -29.13 -6.89 1.95
CA SER B 126 -28.28 -7.77 1.15
C SER B 126 -28.22 -9.21 1.71
N GLY B 127 -28.82 -9.44 2.87
CA GLY B 127 -28.84 -10.77 3.52
C GLY B 127 -27.74 -11.11 4.54
N THR B 128 -26.77 -10.20 4.70
CA THR B 128 -25.57 -10.43 5.53
C THR B 128 -25.32 -9.25 6.46
N ALA B 129 -25.00 -9.55 7.71
CA ALA B 129 -24.70 -8.54 8.73
C ALA B 129 -23.18 -8.53 8.97
N ARG B 130 -22.55 -7.38 8.74
CA ARG B 130 -21.11 -7.23 8.99
CA ARG B 130 -21.11 -7.21 8.97
C ARG B 130 -20.95 -6.18 10.08
N VAL B 131 -20.60 -6.64 11.28
CA VAL B 131 -20.45 -5.74 12.44
C VAL B 131 -18.99 -5.35 12.51
N VAL B 132 -18.71 -4.05 12.57
CA VAL B 132 -17.33 -3.55 12.44
C VAL B 132 -16.85 -2.93 13.74
N CYS B 133 -15.67 -3.33 14.18
CA CYS B 133 -15.02 -2.77 15.38
C CYS B 133 -13.71 -2.11 14.93
N LEU B 134 -13.53 -0.83 15.22
CA LEU B 134 -12.32 -0.12 14.80
C LEU B 134 -11.48 0.22 16.04
N LEU B 135 -10.20 -0.11 15.99
CA LEU B 135 -9.21 0.30 17.00
C LEU B 135 -8.28 1.29 16.36
N ASN B 136 -8.35 2.54 16.83
CA ASN B 136 -7.67 3.61 16.19
C ASN B 136 -6.43 4.11 16.92
N ASN B 137 -5.35 4.26 16.16
CA ASN B 137 -4.13 4.96 16.59
CA ASN B 137 -4.12 4.96 16.60
C ASN B 137 -3.51 4.47 17.90
N PHE B 138 -3.03 3.23 17.89
CA PHE B 138 -2.43 2.62 19.06
C PHE B 138 -0.99 2.16 18.82
N TYR B 139 -0.26 1.95 19.92
CA TYR B 139 1.13 1.48 19.85
C TYR B 139 1.42 0.76 21.18
N PRO B 140 2.02 -0.42 21.18
CA PRO B 140 2.57 -1.15 20.02
C PRO B 140 1.51 -1.83 19.16
N ARG B 141 1.99 -2.52 18.13
CA ARG B 141 1.10 -3.10 17.11
C ARG B 141 0.22 -4.24 17.66
N GLU B 142 0.72 -4.95 18.67
CA GLU B 142 0.04 -6.14 19.17
C GLU B 142 -1.25 -5.72 19.86
N ALA B 143 -2.38 -6.28 19.42
CA ALA B 143 -3.66 -6.02 20.05
C ALA B 143 -4.50 -7.27 19.89
N LYS B 144 -5.48 -7.45 20.76
CA LYS B 144 -6.38 -8.61 20.66
C LYS B 144 -7.82 -8.11 20.67
N VAL B 145 -8.63 -8.59 19.72
CA VAL B 145 -10.05 -8.33 19.67
C VAL B 145 -10.78 -9.66 19.88
N GLN B 146 -11.77 -9.66 20.77
CA GLN B 146 -12.68 -10.81 20.87
C GLN B 146 -14.10 -10.29 20.65
N TRP B 147 -14.88 -11.05 19.91
CA TRP B 147 -16.28 -10.71 19.70
C TRP B 147 -17.14 -11.54 20.63
N LYS B 148 -18.10 -10.88 21.25
CA LYS B 148 -19.09 -11.57 22.11
C LYS B 148 -20.49 -11.22 21.65
N VAL B 149 -21.34 -12.25 21.56
CA VAL B 149 -22.72 -12.06 21.12
C VAL B 149 -23.59 -12.64 22.24
N ASP B 150 -24.40 -11.78 22.87
CA ASP B 150 -25.10 -12.15 24.14
C ASP B 150 -24.14 -12.83 25.13
N ASN B 151 -22.96 -12.21 25.26
CA ASN B 151 -21.88 -12.63 26.13
C ASN B 151 -21.18 -13.97 25.77
N ALA B 152 -21.53 -14.55 24.62
CA ALA B 152 -20.92 -15.79 24.15
C ALA B 152 -19.75 -15.45 23.22
N LEU B 153 -18.56 -15.92 23.58
CA LEU B 153 -17.35 -15.71 22.76
C LEU B 153 -17.51 -16.34 21.38
N GLN B 154 -17.26 -15.54 20.34
CA GLN B 154 -17.35 -15.99 18.96
C GLN B 154 -16.03 -16.57 18.49
N SER B 155 -16.13 -17.52 17.58
CA SER B 155 -14.97 -18.12 16.92
CA SER B 155 -14.96 -18.07 16.90
C SER B 155 -15.34 -18.44 15.47
N GLY B 156 -14.43 -18.18 14.53
CA GLY B 156 -14.62 -18.65 13.16
C GLY B 156 -15.44 -17.77 12.23
N ASN B 157 -15.88 -16.60 12.73
CA ASN B 157 -16.76 -15.75 11.96
C ASN B 157 -16.31 -14.29 11.97
N SER B 158 -15.02 -14.08 12.20
CA SER B 158 -14.48 -12.72 12.11
C SER B 158 -13.23 -12.65 11.27
N GLN B 159 -12.93 -11.43 10.79
CA GLN B 159 -11.71 -11.16 10.03
CA GLN B 159 -11.70 -11.17 10.04
C GLN B 159 -11.12 -9.85 10.52
N GLU B 160 -9.79 -9.69 10.42
CA GLU B 160 -9.20 -8.40 10.86
C GLU B 160 -8.04 -8.02 9.96
N SER B 161 -7.72 -6.73 9.95
CA SER B 161 -6.65 -6.21 9.14
C SER B 161 -6.01 -5.05 9.90
N VAL B 162 -4.68 -4.96 9.83
CA VAL B 162 -3.92 -3.90 10.52
CA VAL B 162 -3.93 -3.89 10.51
C VAL B 162 -3.27 -2.99 9.48
N THR B 163 -3.23 -1.69 9.75
CA THR B 163 -2.52 -0.77 8.85
C THR B 163 -1.01 -0.93 8.94
N GLU B 164 -0.30 -0.34 7.97
CA GLU B 164 1.13 0.00 8.13
C GLU B 164 1.26 1.02 9.26
N GLN B 165 2.47 1.20 9.74
CA GLN B 165 2.72 2.22 10.76
C GLN B 165 2.50 3.62 10.16
N ASP B 166 1.91 4.52 10.96
CA ASP B 166 1.63 5.89 10.49
C ASP B 166 2.92 6.72 10.38
N SER B 167 3.07 7.47 9.28
CA SER B 167 4.26 8.29 9.04
CA SER B 167 4.27 8.29 9.05
C SER B 167 4.31 9.58 9.87
N LYS B 168 3.20 9.94 10.54
CA LYS B 168 3.16 11.15 11.39
C LYS B 168 3.27 10.83 12.86
N ASP B 169 2.45 9.89 13.33
CA ASP B 169 2.38 9.61 14.77
C ASP B 169 2.91 8.25 15.18
N SER B 170 3.34 7.44 14.21
CA SER B 170 4.00 6.15 14.46
C SER B 170 3.09 5.12 15.11
N THR B 171 1.77 5.32 14.98
CA THR B 171 0.79 4.35 15.52
C THR B 171 0.30 3.39 14.45
N TYR B 172 -0.50 2.43 14.89
CA TYR B 172 -1.22 1.50 14.02
C TYR B 172 -2.71 1.63 14.24
N SER B 173 -3.52 1.21 13.24
CA SER B 173 -4.94 1.01 13.46
C SER B 173 -5.33 -0.39 12.99
N LEU B 174 -6.46 -0.87 13.50
CA LEU B 174 -6.91 -2.24 13.22
C LEU B 174 -8.44 -2.23 13.06
N ILE B 175 -8.91 -3.00 12.08
CA ILE B 175 -10.33 -3.14 11.87
C ILE B 175 -10.70 -4.62 11.99
N SER B 176 -11.75 -4.91 12.73
CA SER B 176 -12.25 -6.28 12.85
C SER B 176 -13.71 -6.33 12.45
N THR B 177 -14.09 -7.34 11.69
CA THR B 177 -15.46 -7.47 11.18
C THR B 177 -16.01 -8.83 11.58
N LEU B 178 -17.15 -8.83 12.25
CA LEU B 178 -17.90 -10.04 12.54
C LEU B 178 -18.98 -10.20 11.45
N THR B 179 -19.00 -11.34 10.78
CA THR B 179 -19.93 -11.57 9.66
C THR B 179 -20.90 -12.71 10.03
N LEU B 180 -22.18 -12.38 9.98
CA LEU B 180 -23.27 -13.33 10.22
C LEU B 180 -24.33 -13.17 9.13
N SER B 181 -25.10 -14.22 8.88
CA SER B 181 -26.30 -14.06 8.07
C SER B 181 -27.29 -13.12 8.80
N LYS B 182 -28.18 -12.48 8.03
CA LYS B 182 -29.24 -11.64 8.59
C LYS B 182 -30.07 -12.41 9.62
N ALA B 183 -30.43 -13.66 9.30
CA ALA B 183 -31.21 -14.53 10.19
C ALA B 183 -30.51 -14.75 11.52
N ASP B 184 -29.21 -15.09 11.47
CA ASP B 184 -28.41 -15.30 12.69
C ASP B 184 -28.26 -14.01 13.51
N TYR B 185 -27.99 -12.90 12.82
CA TYR B 185 -27.94 -11.59 13.45
C TYR B 185 -29.21 -11.27 14.26
N GLU B 186 -30.38 -11.53 13.65
CA GLU B 186 -31.66 -11.24 14.28
C GLU B 186 -32.07 -12.16 15.44
N LYS B 187 -31.31 -13.24 15.64
CA LYS B 187 -31.51 -14.15 16.78
C LYS B 187 -30.88 -13.69 18.10
N HIS B 188 -30.10 -12.60 18.07
CA HIS B 188 -29.36 -12.12 19.26
C HIS B 188 -29.49 -10.63 19.52
N LYS B 189 -29.19 -10.22 20.74
CA LYS B 189 -29.42 -8.85 21.16
C LYS B 189 -28.13 -8.05 21.29
N VAL B 190 -27.20 -8.52 22.12
CA VAL B 190 -26.04 -7.70 22.51
C VAL B 190 -24.81 -8.08 21.66
N TYR B 191 -24.25 -7.09 20.96
CA TYR B 191 -23.07 -7.31 20.12
C TYR B 191 -21.94 -6.51 20.70
N ALA B 192 -20.83 -7.19 21.00
CA ALA B 192 -19.73 -6.57 21.73
C ALA B 192 -18.38 -6.92 21.15
N CYS B 193 -17.52 -5.91 21.05
CA CYS B 193 -16.11 -6.18 20.79
CA CYS B 193 -16.12 -6.06 20.73
C CYS B 193 -15.31 -5.80 22.02
N GLU B 194 -14.48 -6.75 22.41
CA GLU B 194 -13.60 -6.62 23.57
C GLU B 194 -12.14 -6.53 23.15
N VAL B 195 -11.48 -5.47 23.61
CA VAL B 195 -10.15 -5.10 23.13
C VAL B 195 -9.15 -5.19 24.28
N THR B 196 -8.07 -5.91 24.05
CA THR B 196 -6.92 -6.01 24.96
C THR B 196 -5.72 -5.36 24.25
N HIS B 197 -4.99 -4.54 25.00
CA HIS B 197 -3.79 -3.84 24.50
CA HIS B 197 -3.80 -3.81 24.49
C HIS B 197 -2.94 -3.37 25.66
N GLN B 198 -1.64 -3.25 25.42
CA GLN B 198 -0.68 -2.85 26.45
C GLN B 198 -1.06 -1.50 27.10
N GLY B 199 -1.69 -0.57 26.37
CA GLY B 199 -2.08 0.70 26.97
C GLY B 199 -3.31 0.62 27.86
N LEU B 200 -3.94 -0.54 27.94
CA LEU B 200 -5.16 -0.72 28.75
C LEU B 200 -4.87 -1.66 29.91
N SER B 201 -5.32 -1.28 31.10
CA SER B 201 -5.03 -2.11 32.28
C SER B 201 -6.00 -3.29 32.38
N SER B 202 -7.19 -3.13 31.77
CA SER B 202 -8.15 -4.24 31.61
C SER B 202 -8.84 -4.11 30.24
N PRO B 203 -9.40 -5.20 29.71
CA PRO B 203 -10.09 -5.12 28.41
C PRO B 203 -11.17 -4.06 28.33
N VAL B 204 -11.24 -3.38 27.19
CA VAL B 204 -12.26 -2.37 26.93
C VAL B 204 -13.34 -3.02 26.04
N THR B 205 -14.60 -2.89 26.45
CA THR B 205 -15.73 -3.42 25.65
C THR B 205 -16.54 -2.29 25.04
N LYS B 206 -16.80 -2.40 23.75
CA LYS B 206 -17.69 -1.50 23.08
C LYS B 206 -18.84 -2.37 22.57
N SER B 207 -20.08 -1.95 22.83
CA SER B 207 -21.23 -2.81 22.53
C SER B 207 -22.46 -2.03 22.13
N PHE B 208 -23.40 -2.75 21.54
CA PHE B 208 -24.72 -2.16 21.25
C PHE B 208 -25.77 -3.25 21.30
N ASN B 209 -27.02 -2.82 21.50
CA ASN B 209 -28.16 -3.71 21.37
C ASN B 209 -28.73 -3.59 19.97
N ARG B 210 -28.93 -4.72 19.30
CA ARG B 210 -29.54 -4.76 17.97
C ARG B 210 -30.90 -4.01 17.96
N GLY B 211 -31.08 -3.15 16.97
CA GLY B 211 -32.33 -2.44 16.74
C GLY B 211 -32.47 -1.10 17.45
N GLU B 212 -31.35 -0.58 17.95
CA GLU B 212 -31.30 0.70 18.69
C GLU B 212 -29.88 1.27 18.73
S SO4 C . 23.54 1.85 -24.56
O1 SO4 C . 24.72 0.99 -24.73
O2 SO4 C . 23.53 2.92 -25.58
O3 SO4 C . 22.31 1.08 -24.76
O4 SO4 C . 23.59 2.52 -23.24
S SO4 D . 22.14 8.34 -24.60
O1 SO4 D . 22.81 9.11 -23.54
O2 SO4 D . 22.75 8.63 -25.92
O3 SO4 D . 20.70 8.69 -24.67
O4 SO4 D . 22.29 6.90 -24.30
S SO4 E . 9.65 -15.82 -11.25
O1 SO4 E . 9.18 -14.68 -12.08
O2 SO4 E . 11.01 -15.56 -10.75
O3 SO4 E . 8.74 -16.03 -10.11
O4 SO4 E . 9.67 -17.06 -12.07
S SO4 F . -15.47 -15.32 5.41
O1 SO4 F . -14.34 -15.25 6.36
O2 SO4 F . -15.00 -14.90 4.08
O3 SO4 F . -16.00 -16.71 5.32
O4 SO4 F . -16.55 -14.42 5.88
C1 EDO G . -17.04 18.66 3.69
O1 EDO G . -18.19 19.37 4.11
C2 EDO G . -16.09 19.60 2.94
O2 EDO G . -15.19 18.75 2.23
C1 EDO H . -13.72 -5.84 6.09
O1 EDO H . -14.62 -6.90 6.47
C2 EDO H . -12.32 -6.36 5.81
O2 EDO H . -11.40 -5.52 6.51
S SO4 I . 17.60 19.49 5.97
O1 SO4 I . 18.42 19.78 7.18
O2 SO4 I . 18.48 18.99 4.89
O3 SO4 I . 16.57 18.48 6.31
O4 SO4 I . 16.94 20.73 5.52
C1 EDO J . 23.34 3.53 -14.95
O1 EDO J . 22.71 4.65 -14.35
C2 EDO J . 24.62 3.97 -15.65
O2 EDO J . 24.27 4.52 -16.92
C1 EDO K . 12.63 11.55 2.65
O1 EDO K . 11.70 11.15 1.64
C2 EDO K . 11.90 11.73 3.98
O2 EDO K . 11.64 10.46 4.62
#